data_2WK2
#
_entry.id   2WK2
#
_cell.length_a   131.214
_cell.length_b   200.970
_cell.length_c   59.437
_cell.angle_alpha   90.00
_cell.angle_beta   90.00
_cell.angle_gamma   90.00
#
_symmetry.space_group_name_H-M   'C 2 2 21'
#
loop_
_entity.id
_entity.type
_entity.pdbx_description
1 polymer 'CHITINASE A'
2 branched 2-deoxy-2-(ethanethioylamino)-beta-D-glucopyranose-(1-4)-2-deoxy-2-(ethanethioylamino)-beta-D-glucopyranose
3 non-polymer 3AR,5R,6S,7R,7AR-5-HYDROXYMETHYL-2-METHYL-5,6,7,7A-TETRAHYDRO-3AH-PYRANO[3,2-D]THIAZOLE-6,7-DIOL
4 non-polymer DI(HYDROXYETHYL)ETHER
5 water water
#
_entity_poly.entity_id   1
_entity_poly.type   'polypeptide(L)'
_entity_poly.pdbx_seq_one_letter_code
;AAPGKPTIAWGNTKFAIVEVDQAATAYNNLVKVKNAADVSVSWNLWNGDTGTTAKILLNGKEAWSGPSTGSSGTANFKVN
KGGRYQMQVALCNADGCTASDATEIVVADTDGSHLAPLKEPLLEKNKPYKQNSGKVVGSYFVEWGVYGRNFTVDKIPAQN
LTHLLYGFIPICGGNGINDSLKEIEGSFQALQRSCQGREDFKVSIHDPFAALQKAQKGVTAWDDPYKGNFGQLMALKQAH
PDLKILPSIGGWTLSDPFFFMGDKVKRDRFVGSVKEFLQTWKFFDGVDIDWEFPGGKGANPNLGSPQDGETYVLLMKELR
AMLDQLSAETGRKYELTSAISAGKDKIDKVAYNVAQNSMDHIFLMSYDFYGAFDLKNLGHQTALNAPAWKPDTAYTTVNG
VNALLTQGVKPGKIVVGTAMYGRGWTGVNGYQNNIPFTGTATGPVKGTWENGIVDYRQIASQFMSGEWQYTYDATAEAPY
VFKPSTGDLITFDDARSVQAKGKYVLDKQLGGLFSWEIDADNGDILNSMNASLGNSAGVQ
;
_entity_poly.pdbx_strand_id   A
#
loop_
_chem_comp.id
_chem_comp.type
_chem_comp.name
_chem_comp.formula
NGT non-polymer 3AR,5R,6S,7R,7AR-5-HYDROXYMETHYL-2-METHYL-5,6,7,7A-TETRAHYDRO-3AH-PYRANO[3,2-D]THIAZOLE-6,7-DIOL 'C8 H13 N O4 S'
PEG non-polymer DI(HYDROXYETHYL)ETHER 'C4 H10 O3'
SN5 D-saccharide, beta linking 2-deoxy-2-(ethanethioylamino)-beta-D-glucopyranose 'C8 H15 N O5 S'
#
# COMPACT_ATOMS: atom_id res chain seq x y z
N ALA A 1 -56.68 7.41 18.78
CA ALA A 1 -55.91 7.30 17.48
C ALA A 1 -54.38 7.24 17.72
N ALA A 2 -53.66 6.52 16.83
CA ALA A 2 -52.18 6.47 16.88
C ALA A 2 -51.65 7.87 16.55
N PRO A 3 -50.37 8.14 16.84
CA PRO A 3 -49.86 9.48 16.53
C PRO A 3 -49.82 9.75 14.99
N GLY A 4 -49.74 11.01 14.57
CA GLY A 4 -49.54 11.36 13.13
C GLY A 4 -48.17 10.84 12.66
N LYS A 5 -47.99 10.77 11.34
CA LYS A 5 -46.76 10.32 10.74
C LYS A 5 -45.72 11.46 10.67
N PRO A 6 -44.64 11.32 11.42
CA PRO A 6 -43.65 12.40 11.39
C PRO A 6 -42.87 12.48 10.04
N THR A 7 -42.36 13.68 9.74
CA THR A 7 -41.48 13.96 8.62
C THR A 7 -40.08 14.20 9.14
N ILE A 8 -39.11 13.50 8.57
CA ILE A 8 -37.71 13.73 8.93
C ILE A 8 -37.25 15.08 8.40
N ALA A 9 -36.62 15.90 9.24
CA ALA A 9 -36.13 17.19 8.81
C ALA A 9 -34.88 17.03 7.90
N TRP A 10 -34.78 17.94 6.92
CA TRP A 10 -33.61 18.01 6.03
C TRP A 10 -32.43 18.35 6.92
N GLY A 11 -31.31 17.67 6.69
CA GLY A 11 -30.14 17.95 7.56
C GLY A 11 -29.01 16.98 7.25
N ASN A 12 -27.92 17.09 7.97
CA ASN A 12 -26.78 16.24 7.61
C ASN A 12 -27.15 14.77 7.84
N THR A 13 -26.77 13.89 6.93
CA THR A 13 -27.06 12.48 7.14
C THR A 13 -25.79 11.59 7.18
N LYS A 14 -24.59 12.22 7.16
CA LYS A 14 -23.33 11.44 7.19
C LYS A 14 -22.54 11.74 8.41
N PHE A 15 -22.17 10.71 9.15
CA PHE A 15 -21.50 10.86 10.44
C PHE A 15 -20.30 9.89 10.47
N ALA A 16 -19.39 10.02 11.45
CA ALA A 16 -18.16 9.26 11.43
C ALA A 16 -17.74 8.84 12.79
N ILE A 17 -17.32 7.57 12.88
CA ILE A 17 -16.78 7.07 14.17
C ILE A 17 -15.32 7.54 14.32
N VAL A 18 -14.57 7.47 13.24
CA VAL A 18 -13.25 8.16 13.19
C VAL A 18 -13.43 9.41 12.30
N GLU A 19 -13.31 10.60 12.91
CA GLU A 19 -13.54 11.83 12.18
C GLU A 19 -12.26 12.41 11.68
N VAL A 20 -12.33 12.95 10.48
CA VAL A 20 -11.22 13.66 9.89
C VAL A 20 -11.54 15.14 9.95
N ASP A 21 -10.71 15.91 10.65
CA ASP A 21 -10.91 17.38 10.72
C ASP A 21 -10.49 17.97 9.39
N GLN A 22 -11.44 18.66 8.75
CA GLN A 22 -11.23 19.17 7.37
C GLN A 22 -10.33 20.45 7.28
N ALA A 23 -10.00 21.05 8.41
CA ALA A 23 -9.07 22.20 8.42
C ALA A 23 -7.94 21.94 9.41
N ALA A 24 -7.08 20.96 9.10
CA ALA A 24 -5.94 20.66 10.00
C ALA A 24 -4.89 19.98 9.15
N THR A 25 -3.62 20.28 9.40
CA THR A 25 -2.54 19.66 8.65
C THR A 25 -1.68 18.72 9.51
N ALA A 26 -1.84 18.76 10.84
CA ALA A 26 -1.11 17.90 11.79
C ALA A 26 -1.91 16.62 12.01
N TYR A 27 -1.28 15.49 11.77
CA TYR A 27 -1.91 14.20 11.98
C TYR A 27 -2.64 14.11 13.31
N ASN A 28 -2.06 14.58 14.41
CA ASN A 28 -2.78 14.48 15.68
C ASN A 28 -4.15 15.26 15.75
N ASN A 29 -4.27 16.33 14.98
CA ASN A 29 -5.55 17.07 14.94
C ASN A 29 -6.37 16.61 13.76
N LEU A 30 -5.73 16.10 12.73
CA LEU A 30 -6.46 15.63 11.58
C LEU A 30 -7.41 14.43 11.90
N VAL A 31 -6.99 13.55 12.78
CA VAL A 31 -7.72 12.27 12.90
C VAL A 31 -8.25 12.18 14.30
N LYS A 32 -9.57 12.10 14.46
CA LYS A 32 -10.11 11.97 15.81
C LYS A 32 -10.88 10.65 15.96
N VAL A 33 -10.37 9.73 16.76
CA VAL A 33 -10.95 8.39 16.96
C VAL A 33 -11.97 8.50 18.11
N LYS A 34 -13.21 8.13 17.86
CA LYS A 34 -14.19 8.16 18.95
C LYS A 34 -14.69 6.75 19.13
N ASN A 35 -15.33 6.47 20.27
CA ASN A 35 -15.92 5.15 20.50
C ASN A 35 -17.18 4.93 19.67
N ALA A 36 -17.82 6.03 19.21
CA ALA A 36 -19.07 5.94 18.47
C ALA A 36 -19.29 7.24 17.69
N ALA A 37 -19.99 7.21 16.57
CA ALA A 37 -20.34 8.47 15.89
C ALA A 37 -21.45 9.22 16.67
N ASP A 38 -21.41 10.55 16.65
CA ASP A 38 -22.46 11.37 17.26
C ASP A 38 -23.44 11.66 16.15
N VAL A 39 -24.63 11.10 16.22
CA VAL A 39 -25.60 11.22 15.16
C VAL A 39 -26.71 12.16 15.68
N SER A 40 -27.29 12.97 14.79
N SER A 40 -27.26 13.01 14.80
CA SER A 40 -28.44 13.78 15.17
CA SER A 40 -28.42 13.84 15.12
C SER A 40 -29.48 13.70 14.07
C SER A 40 -29.49 13.69 14.05
N VAL A 41 -30.75 13.70 14.48
CA VAL A 41 -31.92 13.60 13.59
C VAL A 41 -32.96 14.55 14.16
N SER A 42 -33.68 15.27 13.26
CA SER A 42 -34.75 16.16 13.73
C SER A 42 -36.00 15.78 12.94
N TRP A 43 -37.18 16.22 13.36
CA TRP A 43 -38.39 15.85 12.64
C TRP A 43 -39.46 16.94 12.92
N ASN A 44 -40.49 16.98 12.08
CA ASN A 44 -41.66 17.85 12.29
C ASN A 44 -42.88 16.97 12.14
N LEU A 45 -44.00 17.36 12.78
CA LEU A 45 -45.23 16.64 12.59
C LEU A 45 -46.25 17.64 12.04
N TRP A 46 -46.68 17.41 10.78
CA TRP A 46 -47.53 18.37 10.08
C TRP A 46 -49.02 18.09 10.30
N ASN A 47 -49.39 16.86 10.66
CA ASN A 47 -50.80 16.45 10.87
C ASN A 47 -50.94 15.46 12.02
N GLY A 48 -51.96 15.63 12.87
CA GLY A 48 -52.25 14.65 13.89
C GLY A 48 -51.62 14.91 15.26
N ASP A 49 -51.68 13.88 16.12
CA ASP A 49 -51.24 13.97 17.51
C ASP A 49 -49.71 13.67 17.53
N THR A 50 -48.92 14.36 18.34
CA THR A 50 -47.45 14.12 18.33
C THR A 50 -47.03 12.86 19.10
N GLY A 51 -47.99 12.17 19.68
CA GLY A 51 -47.72 11.00 20.50
C GLY A 51 -47.14 11.35 21.85
N THR A 52 -46.71 10.32 22.59
CA THR A 52 -46.06 10.61 23.85
C THR A 52 -44.60 10.18 23.88
N THR A 53 -44.15 9.25 23.02
CA THR A 53 -42.70 8.94 22.99
C THR A 53 -42.20 9.09 21.55
N ALA A 54 -41.01 9.64 21.38
CA ALA A 54 -40.41 9.69 20.02
C ALA A 54 -39.24 8.70 20.04
N LYS A 55 -39.09 7.91 18.98
CA LYS A 55 -37.96 6.95 18.88
C LYS A 55 -37.23 7.18 17.55
N ILE A 56 -35.91 6.99 17.56
CA ILE A 56 -35.14 6.89 16.29
C ILE A 56 -34.86 5.40 16.06
N LEU A 57 -35.32 4.86 14.93
CA LEU A 57 -35.07 3.49 14.58
C LEU A 57 -33.94 3.43 13.51
N LEU A 58 -33.02 2.48 13.66
CA LEU A 58 -32.00 2.16 12.66
C LEU A 58 -32.24 0.71 12.24
N ASN A 59 -32.67 0.50 10.99
CA ASN A 59 -33.09 -0.83 10.51
C ASN A 59 -34.17 -1.47 11.45
N GLY A 60 -35.04 -0.63 11.99
CA GLY A 60 -36.08 -1.11 12.89
C GLY A 60 -35.67 -1.11 14.36
N LYS A 61 -34.38 -0.99 14.65
CA LYS A 61 -33.94 -1.11 16.02
C LYS A 61 -33.71 0.24 16.68
N GLU A 62 -34.24 0.44 17.89
CA GLU A 62 -34.22 1.73 18.54
C GLU A 62 -32.81 2.20 18.91
N ALA A 63 -32.46 3.45 18.56
CA ALA A 63 -31.13 3.98 18.90
C ALA A 63 -31.25 5.09 19.92
N TRP A 64 -32.49 5.54 20.14
CA TRP A 64 -32.76 6.67 21.03
C TRP A 64 -34.27 6.68 21.29
N SER A 65 -34.68 7.12 22.48
CA SER A 65 -36.12 7.19 22.80
C SER A 65 -36.21 8.39 23.67
N GLY A 66 -37.25 9.20 23.56
CA GLY A 66 -37.53 10.15 24.62
C GLY A 66 -39.00 10.64 24.59
N PRO A 67 -39.34 11.55 25.53
CA PRO A 67 -40.70 12.12 25.54
C PRO A 67 -40.98 12.91 24.25
N SER A 68 -42.19 12.78 23.69
CA SER A 68 -42.54 13.58 22.49
C SER A 68 -43.27 14.82 22.99
N THR A 69 -42.65 16.00 22.93
CA THR A 69 -43.21 17.12 23.66
C THR A 69 -43.75 18.29 22.80
N GLY A 70 -43.70 18.15 21.48
CA GLY A 70 -44.10 19.22 20.59
C GLY A 70 -44.07 18.74 19.15
N SER A 71 -44.42 19.67 18.26
CA SER A 71 -44.57 19.42 16.86
C SER A 71 -43.24 19.21 16.15
N SER A 72 -42.15 19.63 16.79
CA SER A 72 -40.79 19.37 16.27
C SER A 72 -39.90 18.78 17.34
N GLY A 73 -38.94 17.95 16.92
CA GLY A 73 -38.01 17.36 17.91
C GLY A 73 -36.66 17.10 17.29
N THR A 74 -35.67 16.94 18.16
CA THR A 74 -34.30 16.61 17.76
C THR A 74 -33.81 15.48 18.70
N ALA A 75 -33.14 14.47 18.15
CA ALA A 75 -32.48 13.43 18.94
C ALA A 75 -30.97 13.41 18.64
N ASN A 76 -30.13 13.41 19.68
CA ASN A 76 -28.68 13.27 19.55
C ASN A 76 -28.32 11.95 20.21
N PHE A 77 -27.67 11.07 19.49
CA PHE A 77 -27.37 9.77 20.09
C PHE A 77 -26.09 9.23 19.44
N LYS A 78 -25.59 8.14 20.00
CA LYS A 78 -24.35 7.55 19.52
C LYS A 78 -24.59 6.26 18.77
N VAL A 79 -23.86 6.05 17.69
CA VAL A 79 -23.91 4.80 16.94
C VAL A 79 -22.49 4.21 16.84
N ASN A 80 -22.28 2.98 17.34
CA ASN A 80 -20.90 2.47 17.46
C ASN A 80 -20.49 1.49 16.39
N LYS A 81 -21.29 1.36 15.36
CA LYS A 81 -20.95 0.43 14.32
C LYS A 81 -21.21 1.06 12.97
N GLY A 82 -20.23 1.01 12.09
CA GLY A 82 -20.36 1.60 10.79
C GLY A 82 -21.32 0.88 9.88
N GLY A 83 -21.85 1.60 8.88
CA GLY A 83 -22.88 1.05 8.03
C GLY A 83 -23.69 2.17 7.40
N ARG A 84 -24.55 1.80 6.47
CA ARG A 84 -25.58 2.64 5.93
C ARG A 84 -26.88 2.04 6.54
N TYR A 85 -27.64 2.89 7.21
CA TYR A 85 -28.82 2.49 7.99
C TYR A 85 -30.06 3.18 7.41
N GLN A 86 -31.17 2.44 7.35
CA GLN A 86 -32.50 2.98 7.05
C GLN A 86 -33.05 3.55 8.35
N MET A 87 -32.96 4.87 8.51
N MET A 87 -32.92 4.86 8.53
CA MET A 87 -33.34 5.54 9.76
CA MET A 87 -33.39 5.46 9.75
C MET A 87 -34.74 6.13 9.72
C MET A 87 -34.85 5.87 9.61
N GLN A 88 -35.55 5.81 10.72
CA GLN A 88 -36.93 6.33 10.80
C GLN A 88 -37.10 7.03 12.15
N VAL A 89 -37.99 8.03 12.20
CA VAL A 89 -38.46 8.54 13.47
C VAL A 89 -39.84 7.89 13.62
N ALA A 90 -40.13 7.34 14.82
CA ALA A 90 -41.44 6.82 15.10
C ALA A 90 -42.03 7.58 16.30
N LEU A 91 -43.32 7.91 16.22
CA LEU A 91 -44.02 8.55 17.34
C LEU A 91 -45.02 7.52 17.87
N CYS A 92 -44.98 7.30 19.18
CA CYS A 92 -45.78 6.27 19.82
C CYS A 92 -46.67 6.84 20.90
N ASN A 93 -47.85 6.26 21.04
CA ASN A 93 -48.63 6.45 22.26
C ASN A 93 -49.27 5.10 22.61
N ALA A 94 -50.21 5.12 23.56
CA ALA A 94 -50.80 3.90 24.05
C ALA A 94 -51.57 3.19 22.93
N ASP A 95 -51.99 3.94 21.91
CA ASP A 95 -52.76 3.38 20.80
C ASP A 95 -51.96 2.94 19.55
N GLY A 96 -50.63 3.04 19.57
CA GLY A 96 -49.80 2.55 18.49
C GLY A 96 -48.59 3.43 18.21
N CYS A 97 -47.76 2.99 17.26
CA CYS A 97 -46.54 3.73 16.84
C CYS A 97 -46.71 4.03 15.36
N THR A 98 -46.33 5.25 14.93
CA THR A 98 -46.41 5.65 13.54
C THR A 98 -45.01 6.06 13.12
N ALA A 99 -44.44 5.38 12.12
CA ALA A 99 -43.04 5.58 11.73
C ALA A 99 -42.98 6.44 10.47
N SER A 100 -42.02 7.34 10.42
CA SER A 100 -41.75 8.13 9.20
C SER A 100 -41.32 7.22 8.07
N ASP A 101 -41.28 7.78 6.85
CA ASP A 101 -40.53 7.12 5.75
C ASP A 101 -39.08 7.08 6.19
N ALA A 102 -38.35 6.08 5.71
CA ALA A 102 -36.93 5.90 6.04
C ALA A 102 -36.03 6.88 5.30
N THR A 103 -35.05 7.46 5.98
CA THR A 103 -33.99 8.23 5.33
C THR A 103 -32.69 7.46 5.57
N GLU A 104 -31.87 7.25 4.53
CA GLU A 104 -30.64 6.51 4.75
C GLU A 104 -29.64 7.40 5.44
N ILE A 105 -29.00 6.89 6.47
CA ILE A 105 -27.90 7.65 7.03
C ILE A 105 -26.59 6.83 6.95
N VAL A 106 -25.46 7.52 7.01
CA VAL A 106 -24.14 6.94 6.92
C VAL A 106 -23.41 7.12 8.19
N VAL A 107 -22.92 6.01 8.75
CA VAL A 107 -22.09 6.05 9.94
C VAL A 107 -20.77 5.41 9.39
N ALA A 108 -19.77 6.31 9.18
CA ALA A 108 -18.51 5.96 8.50
C ALA A 108 -17.59 5.28 9.51
N ASP A 109 -16.88 4.26 9.07
CA ASP A 109 -15.82 3.68 9.90
C ASP A 109 -14.74 3.21 8.94
N THR A 110 -13.52 3.04 9.47
CA THR A 110 -12.35 2.90 8.59
C THR A 110 -12.17 1.50 8.01
N ASP A 111 -13.07 0.57 8.36
CA ASP A 111 -13.16 -0.72 7.64
C ASP A 111 -13.87 -0.52 6.30
N GLY A 112 -14.47 0.67 6.10
CA GLY A 112 -15.19 0.92 4.84
C GLY A 112 -16.62 0.33 4.90
N SER A 113 -17.08 -0.03 6.09
CA SER A 113 -18.41 -0.61 6.28
C SER A 113 -19.58 0.27 5.73
N HIS A 114 -19.31 1.54 5.44
CA HIS A 114 -20.33 2.49 5.02
C HIS A 114 -20.24 2.69 3.51
N LEU A 115 -19.29 2.01 2.86
CA LEU A 115 -19.02 2.36 1.46
C LEU A 115 -19.53 1.32 0.51
N ALA A 116 -20.08 1.77 -0.62
CA ALA A 116 -20.34 0.84 -1.75
C ALA A 116 -19.00 0.24 -2.21
N PRO A 117 -19.00 -1.03 -2.68
CA PRO A 117 -17.77 -1.67 -3.09
C PRO A 117 -17.19 -0.95 -4.27
N LEU A 118 -15.86 -0.79 -4.29
CA LEU A 118 -15.19 -0.27 -5.48
C LEU A 118 -14.78 -1.45 -6.34
N LYS A 119 -15.61 -1.74 -7.36
CA LYS A 119 -15.44 -2.88 -8.25
C LYS A 119 -15.33 -2.28 -9.63
N GLU A 120 -14.12 -2.05 -10.12
CA GLU A 120 -13.96 -1.33 -11.36
C GLU A 120 -13.46 -2.25 -12.43
N PRO A 121 -13.74 -1.89 -13.70
CA PRO A 121 -13.26 -2.81 -14.75
C PRO A 121 -11.75 -2.75 -14.88
N LEU A 122 -11.16 -3.85 -15.31
CA LEU A 122 -9.75 -3.87 -15.65
C LEU A 122 -9.43 -2.96 -16.82
N LEU A 123 -8.31 -2.28 -16.75
CA LEU A 123 -7.91 -1.33 -17.73
C LEU A 123 -6.73 -1.78 -18.53
N GLU A 124 -6.38 -1.01 -19.53
CA GLU A 124 -5.27 -1.30 -20.42
C GLU A 124 -5.25 -2.79 -20.81
N LYS A 125 -4.11 -3.47 -20.71
CA LYS A 125 -4.03 -4.88 -21.16
C LYS A 125 -4.31 -5.91 -20.07
N ASN A 126 -4.77 -5.42 -18.91
CA ASN A 126 -5.01 -6.31 -17.76
C ASN A 126 -6.11 -7.33 -18.10
N LYS A 127 -5.86 -8.62 -17.84
CA LYS A 127 -6.85 -9.68 -18.10
C LYS A 127 -7.20 -10.31 -16.74
N PRO A 128 -8.44 -10.84 -16.56
CA PRO A 128 -8.80 -11.32 -15.23
C PRO A 128 -8.20 -12.70 -14.85
N TYR A 129 -7.69 -12.81 -13.61
CA TYR A 129 -7.20 -14.08 -13.02
C TYR A 129 -7.91 -14.35 -11.71
N LYS A 130 -8.04 -15.64 -11.40
CA LYS A 130 -8.53 -16.06 -10.09
C LYS A 130 -7.29 -16.29 -9.22
N GLN A 131 -7.36 -15.93 -7.94
CA GLN A 131 -6.21 -16.16 -7.06
C GLN A 131 -6.31 -17.57 -6.50
N ASN A 132 -5.98 -18.57 -7.29
CA ASN A 132 -6.17 -19.97 -6.81
C ASN A 132 -4.89 -20.80 -6.80
N SER A 133 -3.75 -20.14 -7.00
CA SER A 133 -2.48 -20.84 -6.95
C SER A 133 -2.02 -21.08 -5.52
N GLY A 134 -2.57 -20.33 -4.55
CA GLY A 134 -1.98 -20.30 -3.19
C GLY A 134 -0.65 -19.53 -3.16
N LYS A 135 -0.24 -18.88 -4.26
CA LYS A 135 1.00 -18.09 -4.23
C LYS A 135 0.69 -16.61 -4.02
N VAL A 136 1.65 -15.91 -3.40
CA VAL A 136 1.61 -14.42 -3.30
C VAL A 136 1.69 -13.78 -4.65
N VAL A 137 0.79 -12.82 -4.91
CA VAL A 137 0.92 -11.95 -6.09
C VAL A 137 0.73 -10.51 -5.57
N GLY A 138 1.82 -9.78 -5.40
CA GLY A 138 1.79 -8.48 -4.73
C GLY A 138 2.24 -7.35 -5.64
N SER A 139 1.84 -6.12 -5.30
CA SER A 139 2.40 -4.96 -5.97
C SER A 139 2.31 -3.77 -5.00
N TYR A 140 3.16 -2.78 -5.21
CA TYR A 140 3.11 -1.55 -4.47
C TYR A 140 2.32 -0.48 -5.23
N PHE A 141 1.45 0.21 -4.53
CA PHE A 141 0.79 1.44 -5.00
C PHE A 141 1.43 2.58 -4.20
N VAL A 142 1.86 3.63 -4.93
CA VAL A 142 2.50 4.81 -4.29
C VAL A 142 1.55 5.97 -4.06
N GLU A 143 1.56 6.44 -2.83
CA GLU A 143 0.73 7.54 -2.40
C GLU A 143 0.77 8.76 -3.31
N TRP A 144 1.96 9.13 -3.76
CA TRP A 144 2.17 10.34 -4.57
C TRP A 144 1.83 10.11 -6.07
N GLY A 145 1.50 8.85 -6.45
CA GLY A 145 1.17 8.52 -7.85
C GLY A 145 -0.14 9.15 -8.35
N VAL A 146 -0.91 9.74 -7.46
CA VAL A 146 -2.15 10.37 -7.80
C VAL A 146 -2.01 11.75 -8.46
N TYR A 147 -0.82 12.25 -8.50
CA TYR A 147 -0.59 13.56 -9.04
C TYR A 147 -0.13 13.43 -10.48
N GLY A 148 1.14 13.64 -10.76
CA GLY A 148 1.58 13.60 -12.13
C GLY A 148 1.33 12.26 -12.82
N ARG A 149 1.42 11.16 -12.07
CA ARG A 149 1.24 9.87 -12.68
C ARG A 149 -0.26 9.61 -12.85
N ASN A 150 -1.10 10.37 -12.17
CA ASN A 150 -2.53 10.27 -12.29
C ASN A 150 -3.06 8.84 -12.11
N PHE A 151 -2.43 8.03 -11.25
CA PHE A 151 -2.85 6.65 -11.07
C PHE A 151 -3.43 6.49 -9.67
N THR A 152 -4.73 6.22 -9.63
CA THR A 152 -5.52 6.23 -8.41
C THR A 152 -5.94 4.79 -8.13
N VAL A 153 -6.52 4.57 -6.96
CA VAL A 153 -6.81 3.24 -6.44
C VAL A 153 -7.85 2.51 -7.31
N ASP A 154 -8.75 3.28 -7.95
CA ASP A 154 -9.71 2.68 -8.88
C ASP A 154 -9.06 2.14 -10.13
N LYS A 155 -7.83 2.54 -10.44
CA LYS A 155 -7.14 1.93 -11.58
C LYS A 155 -6.33 0.69 -11.20
N ILE A 156 -6.30 0.32 -9.92
CA ILE A 156 -5.57 -0.91 -9.55
C ILE A 156 -6.36 -2.16 -10.09
N PRO A 157 -5.68 -3.06 -10.77
CA PRO A 157 -6.27 -4.37 -11.14
C PRO A 157 -6.39 -5.30 -9.94
N ALA A 158 -7.25 -4.94 -9.00
CA ALA A 158 -7.18 -5.54 -7.67
C ALA A 158 -7.51 -7.03 -7.64
N GLN A 159 -8.34 -7.52 -8.58
CA GLN A 159 -8.69 -8.94 -8.56
C GLN A 159 -7.44 -9.80 -8.85
N ASN A 160 -6.43 -9.21 -9.48
CA ASN A 160 -5.22 -9.92 -9.88
C ASN A 160 -4.08 -9.88 -8.87
N LEU A 161 -4.39 -9.53 -7.63
CA LEU A 161 -3.43 -9.44 -6.55
C LEU A 161 -3.90 -10.23 -5.35
N THR A 162 -2.97 -10.76 -4.54
CA THR A 162 -3.31 -11.22 -3.20
C THR A 162 -2.90 -10.13 -2.18
N HIS A 163 -1.89 -9.34 -2.52
CA HIS A 163 -1.29 -8.32 -1.60
C HIS A 163 -1.16 -7.01 -2.30
N LEU A 164 -1.69 -5.96 -1.69
CA LEU A 164 -1.48 -4.60 -2.21
C LEU A 164 -0.74 -3.80 -1.10
N LEU A 165 0.46 -3.35 -1.41
N LEU A 165 0.45 -3.35 -1.42
CA LEU A 165 1.30 -2.64 -0.45
CA LEU A 165 1.30 -2.63 -0.48
C LEU A 165 1.28 -1.12 -0.73
C LEU A 165 1.17 -1.13 -0.74
N TYR A 166 1.03 -0.34 0.33
CA TYR A 166 0.88 1.12 0.18
C TYR A 166 2.18 1.83 0.54
N GLY A 167 2.87 2.38 -0.44
CA GLY A 167 4.15 3.11 -0.25
C GLY A 167 3.88 4.62 -0.19
N PHE A 168 4.17 5.30 0.94
CA PHE A 168 4.80 4.73 2.12
C PHE A 168 4.30 5.51 3.30
N ILE A 169 4.26 4.82 4.43
CA ILE A 169 3.92 5.42 5.68
C ILE A 169 5.23 5.90 6.32
N PRO A 170 5.30 7.20 6.71
CA PRO A 170 6.53 7.72 7.28
C PRO A 170 6.57 7.54 8.81
N ILE A 171 7.77 7.70 9.37
CA ILE A 171 7.97 7.72 10.84
C ILE A 171 8.37 9.15 11.22
N CYS A 172 7.73 9.73 12.22
CA CYS A 172 7.97 11.15 12.52
C CYS A 172 9.41 11.36 13.00
N GLY A 173 9.96 12.53 12.67
CA GLY A 173 11.25 12.90 13.11
C GLY A 173 11.81 14.03 12.25
N GLY A 174 12.37 15.04 12.89
CA GLY A 174 13.04 16.13 12.17
C GLY A 174 14.52 15.90 11.87
N ASN A 175 15.32 16.93 12.18
CA ASN A 175 16.77 16.91 11.85
C ASN A 175 17.45 15.73 12.50
N GLY A 176 18.31 15.07 11.75
CA GLY A 176 19.03 13.90 12.26
C GLY A 176 18.21 12.62 12.12
N ILE A 177 16.90 12.75 11.90
CA ILE A 177 16.05 11.56 11.94
C ILE A 177 15.53 11.19 10.54
N ASN A 178 15.08 12.19 9.78
CA ASN A 178 14.58 12.05 8.39
C ASN A 178 15.33 12.93 7.40
N ASP A 179 16.64 13.04 7.58
CA ASP A 179 17.44 13.90 6.72
C ASP A 179 17.42 13.45 5.24
N SER A 180 17.27 12.13 4.93
CA SER A 180 17.12 11.72 3.52
C SER A 180 15.94 12.39 2.77
N LEU A 181 14.89 12.82 3.47
CA LEU A 181 13.76 13.53 2.84
C LEU A 181 14.15 14.87 2.24
N LYS A 182 15.17 15.50 2.82
CA LYS A 182 15.59 16.83 2.41
C LYS A 182 16.08 16.93 0.96
N GLU A 183 16.44 15.79 0.38
CA GLU A 183 16.85 15.71 -1.00
C GLU A 183 15.64 15.83 -1.92
N ILE A 184 14.43 15.72 -1.37
CA ILE A 184 13.21 15.84 -2.15
C ILE A 184 12.49 17.12 -1.79
N GLU A 185 12.28 17.98 -2.80
CA GLU A 185 11.65 19.27 -2.58
C GLU A 185 10.33 19.25 -1.81
N GLY A 186 10.29 20.02 -0.72
CA GLY A 186 9.11 20.12 0.16
C GLY A 186 8.82 18.87 1.05
N SER A 187 9.53 17.76 0.85
CA SER A 187 9.10 16.47 1.42
C SER A 187 9.39 16.45 2.95
N PHE A 188 10.56 16.95 3.34
CA PHE A 188 10.93 17.01 4.77
C PHE A 188 10.00 17.97 5.50
N GLN A 189 9.66 19.11 4.87
CA GLN A 189 8.78 20.05 5.55
C GLN A 189 7.36 19.50 5.64
N ALA A 190 6.93 18.73 4.63
CA ALA A 190 5.58 18.11 4.69
C ALA A 190 5.47 17.15 5.87
N LEU A 191 6.56 16.40 6.12
CA LEU A 191 6.55 15.46 7.27
C LEU A 191 6.52 16.22 8.61
N GLN A 192 7.33 17.27 8.76
CA GLN A 192 7.31 18.08 10.01
C GLN A 192 5.95 18.65 10.29
N ARG A 193 5.26 19.03 9.23
CA ARG A 193 3.97 19.63 9.42
C ARG A 193 2.96 18.58 9.86
N SER A 194 2.94 17.47 9.13
CA SER A 194 2.11 16.32 9.51
C SER A 194 2.40 15.86 10.97
N CYS A 195 3.68 15.92 11.36
CA CYS A 195 4.09 15.44 12.68
C CYS A 195 4.07 16.52 13.76
N GLN A 196 3.55 17.72 13.46
CA GLN A 196 3.55 18.75 14.50
C GLN A 196 2.84 18.32 15.77
N GLY A 197 3.46 18.47 16.92
CA GLY A 197 2.88 18.02 18.20
C GLY A 197 2.94 16.48 18.44
N ARG A 198 3.59 15.75 17.54
CA ARG A 198 3.51 14.27 17.60
C ARG A 198 4.93 13.83 17.95
N GLU A 199 5.08 12.87 18.88
CA GLU A 199 6.42 12.36 19.18
C GLU A 199 7.21 11.75 18.02
N ASP A 200 8.53 12.01 17.98
CA ASP A 200 9.37 11.32 17.00
C ASP A 200 9.29 9.78 17.20
N PHE A 201 9.52 9.05 16.13
CA PHE A 201 9.47 7.60 16.13
C PHE A 201 8.08 6.99 16.15
N LYS A 202 7.04 7.85 16.09
CA LYS A 202 5.67 7.39 15.76
C LYS A 202 5.33 7.49 14.28
N VAL A 203 4.55 6.54 13.77
CA VAL A 203 4.14 6.62 12.40
C VAL A 203 3.19 7.81 12.16
N SER A 204 3.19 8.33 10.98
CA SER A 204 2.25 9.32 10.56
C SER A 204 1.74 9.05 9.10
N ILE A 205 1.23 10.06 8.46
CA ILE A 205 0.86 10.03 7.05
C ILE A 205 1.61 11.15 6.36
N HIS A 206 2.34 10.86 5.32
CA HIS A 206 3.23 11.82 4.71
C HIS A 206 2.45 12.95 3.95
N ASP A 207 1.43 12.56 3.17
CA ASP A 207 0.60 13.55 2.43
C ASP A 207 -0.85 13.29 2.80
N PRO A 208 -1.36 13.94 3.86
CA PRO A 208 -2.71 13.67 4.31
C PRO A 208 -3.77 14.04 3.24
N PHE A 209 -3.44 15.00 2.37
CA PHE A 209 -4.38 15.37 1.30
C PHE A 209 -4.64 14.17 0.33
N ALA A 210 -3.57 13.68 -0.27
CA ALA A 210 -3.62 12.51 -1.14
C ALA A 210 -4.27 11.29 -0.41
N ALA A 211 -4.02 11.12 0.90
CA ALA A 211 -4.45 9.91 1.59
C ALA A 211 -5.91 9.98 1.98
N LEU A 212 -6.40 11.18 2.29
CA LEU A 212 -7.70 11.28 2.93
C LEU A 212 -8.71 12.26 2.36
N GLN A 213 -8.25 13.20 1.56
CA GLN A 213 -9.12 14.31 1.16
C GLN A 213 -9.26 14.58 -0.35
N LYS A 214 -8.31 14.14 -1.17
CA LYS A 214 -8.41 14.37 -2.61
C LYS A 214 -9.66 13.62 -3.12
N ALA A 215 -10.54 14.33 -3.83
CA ALA A 215 -11.75 13.67 -4.37
C ALA A 215 -11.34 12.54 -5.31
N GLN A 216 -11.98 11.37 -5.18
CA GLN A 216 -11.69 10.25 -6.08
C GLN A 216 -12.95 9.46 -6.31
N LYS A 217 -12.91 8.63 -7.35
CA LYS A 217 -14.08 7.84 -7.73
C LYS A 217 -14.67 7.11 -6.53
N GLY A 218 -15.96 7.35 -6.23
CA GLY A 218 -16.63 6.70 -5.14
C GLY A 218 -16.64 7.53 -3.87
N VAL A 219 -15.75 8.52 -3.80
CA VAL A 219 -15.61 9.37 -2.62
C VAL A 219 -15.47 10.85 -3.10
N THR A 220 -16.45 11.31 -3.89
CA THR A 220 -16.41 12.68 -4.40
C THR A 220 -17.41 13.61 -3.72
N ALA A 221 -18.30 13.11 -2.86
CA ALA A 221 -19.29 14.00 -2.20
C ALA A 221 -18.64 14.77 -1.03
N TRP A 222 -18.97 16.06 -0.90
CA TRP A 222 -18.22 16.91 0.04
C TRP A 222 -18.28 16.38 1.47
N ASP A 223 -19.39 15.76 1.84
CA ASP A 223 -19.55 15.23 3.17
C ASP A 223 -19.15 13.75 3.35
N ASP A 224 -18.57 13.11 2.34
CA ASP A 224 -17.89 11.77 2.53
C ASP A 224 -16.75 11.84 3.59
N PRO A 225 -16.90 11.08 4.68
CA PRO A 225 -15.93 11.24 5.76
C PRO A 225 -14.52 10.92 5.33
N TYR A 226 -14.33 9.97 4.42
CA TYR A 226 -13.03 9.58 3.95
C TYR A 226 -12.94 9.65 2.44
N LYS A 227 -11.94 10.37 1.95
CA LYS A 227 -11.71 10.41 0.56
C LYS A 227 -10.25 9.99 0.29
N GLY A 228 -9.71 10.39 -0.85
CA GLY A 228 -8.36 10.09 -1.23
C GLY A 228 -7.99 8.63 -1.30
N ASN A 229 -6.72 8.30 -1.14
CA ASN A 229 -6.30 6.87 -1.25
C ASN A 229 -6.96 5.97 -0.23
N PHE A 230 -7.07 6.44 1.01
CA PHE A 230 -7.55 5.60 2.11
C PHE A 230 -9.06 5.36 1.92
N GLY A 231 -9.80 6.39 1.51
CA GLY A 231 -11.24 6.21 1.34
C GLY A 231 -11.48 5.17 0.25
N GLN A 232 -10.74 5.25 -0.85
CA GLN A 232 -10.87 4.27 -1.93
C GLN A 232 -10.39 2.87 -1.54
N LEU A 233 -9.31 2.80 -0.75
CA LEU A 233 -8.82 1.50 -0.26
C LEU A 233 -9.87 0.85 0.61
N MET A 234 -10.58 1.65 1.41
CA MET A 234 -11.70 1.16 2.22
C MET A 234 -12.78 0.49 1.34
N ALA A 235 -13.14 1.17 0.24
CA ALA A 235 -14.19 0.67 -0.69
C ALA A 235 -13.65 -0.50 -1.50
N LEU A 236 -12.36 -0.45 -1.85
CA LEU A 236 -11.65 -1.59 -2.44
C LEU A 236 -11.72 -2.84 -1.56
N LYS A 237 -11.52 -2.66 -0.24
CA LYS A 237 -11.60 -3.77 0.67
C LYS A 237 -13.03 -4.36 0.60
N GLN A 238 -14.06 -3.50 0.50
CA GLN A 238 -15.44 -3.97 0.45
C GLN A 238 -15.68 -4.80 -0.79
N ALA A 239 -15.08 -4.41 -1.91
CA ALA A 239 -15.11 -5.19 -3.11
C ALA A 239 -14.26 -6.49 -3.04
N HIS A 240 -13.14 -6.45 -2.31
CA HIS A 240 -12.21 -7.57 -2.32
C HIS A 240 -11.81 -7.95 -0.94
N PRO A 241 -12.71 -8.62 -0.21
CA PRO A 241 -12.50 -8.86 1.21
C PRO A 241 -11.27 -9.72 1.57
N ASP A 242 -10.72 -10.48 0.62
CA ASP A 242 -9.55 -11.33 0.87
C ASP A 242 -8.23 -10.71 0.36
N LEU A 243 -8.30 -9.56 -0.32
CA LEU A 243 -7.07 -8.80 -0.64
C LEU A 243 -6.39 -8.40 0.66
N LYS A 244 -5.07 -8.58 0.79
CA LYS A 244 -4.37 -8.09 1.99
C LYS A 244 -3.87 -6.70 1.63
N ILE A 245 -4.24 -5.69 2.36
CA ILE A 245 -3.70 -4.37 2.03
C ILE A 245 -2.79 -3.99 3.18
N LEU A 246 -1.49 -3.78 2.89
CA LEU A 246 -0.50 -3.60 3.95
C LEU A 246 0.09 -2.20 3.84
N PRO A 247 0.16 -1.50 4.97
CA PRO A 247 0.86 -0.23 4.92
C PRO A 247 2.35 -0.48 4.90
N SER A 248 3.07 0.08 3.94
CA SER A 248 4.54 -0.11 3.91
CA SER A 248 4.56 -0.12 3.91
C SER A 248 5.27 1.06 4.58
N ILE A 249 6.02 0.77 5.64
CA ILE A 249 6.75 1.78 6.43
C ILE A 249 8.23 1.80 6.00
N GLY A 250 8.69 2.94 5.51
CA GLY A 250 10.08 3.07 5.13
C GLY A 250 10.19 3.38 3.64
N GLY A 251 10.95 2.56 2.92
CA GLY A 251 11.29 2.93 1.60
C GLY A 251 12.61 3.66 1.57
N TRP A 252 13.05 3.95 0.35
CA TRP A 252 14.33 4.61 0.14
C TRP A 252 14.54 5.89 0.96
N THR A 253 13.54 6.75 1.03
CA THR A 253 13.72 8.06 1.67
C THR A 253 13.18 8.19 3.10
N LEU A 254 12.46 7.17 3.58
CA LEU A 254 11.86 7.25 4.90
C LEU A 254 12.41 6.18 5.85
N SER A 255 13.56 5.61 5.52
CA SER A 255 14.20 4.56 6.35
C SER A 255 15.12 5.06 7.51
N ASP A 256 15.52 6.34 7.47
CA ASP A 256 16.50 6.83 8.46
C ASP A 256 16.09 6.52 9.91
N PRO A 257 14.78 6.66 10.28
CA PRO A 257 14.45 6.44 11.70
C PRO A 257 14.71 5.01 12.19
N PHE A 258 14.72 4.04 11.30
CA PHE A 258 14.91 2.66 11.76
C PHE A 258 16.27 2.52 12.44
N PHE A 259 17.23 3.32 11.96
CA PHE A 259 18.63 3.20 12.43
C PHE A 259 18.80 3.60 13.89
N PHE A 260 17.78 4.23 14.48
CA PHE A 260 17.81 4.63 15.91
C PHE A 260 17.12 3.63 16.83
N MET A 261 16.51 2.60 16.26
CA MET A 261 15.64 1.68 17.03
C MET A 261 16.35 0.63 17.88
N GLY A 262 17.68 0.66 17.87
CA GLY A 262 18.45 -0.05 18.94
C GLY A 262 18.11 0.47 20.33
N ASP A 263 17.63 1.71 20.42
CA ASP A 263 17.04 2.24 21.66
C ASP A 263 15.62 1.68 21.84
N LYS A 264 15.46 0.73 22.77
CA LYS A 264 14.12 0.13 22.96
C LYS A 264 13.03 1.16 23.33
N VAL A 265 13.39 2.26 23.97
CA VAL A 265 12.40 3.30 24.23
C VAL A 265 11.78 3.73 22.87
N LYS A 266 12.62 3.98 21.87
CA LYS A 266 12.11 4.43 20.56
C LYS A 266 11.43 3.28 19.85
N ARG A 267 12.01 2.09 19.93
CA ARG A 267 11.39 0.97 19.28
C ARG A 267 9.99 0.66 19.87
N ASP A 268 9.84 0.68 21.20
CA ASP A 268 8.54 0.44 21.80
C ASP A 268 7.56 1.54 21.33
N ARG A 269 8.02 2.79 21.32
CA ARG A 269 7.15 3.86 20.89
C ARG A 269 6.67 3.62 19.44
N PHE A 270 7.59 3.21 18.57
CA PHE A 270 7.26 2.91 17.17
C PHE A 270 6.23 1.78 17.06
N VAL A 271 6.50 0.65 17.70
CA VAL A 271 5.58 -0.50 17.69
C VAL A 271 4.20 -0.12 18.24
N GLY A 272 4.16 0.57 19.38
CA GLY A 272 2.85 1.02 19.88
C GLY A 272 2.09 1.94 18.90
N SER A 273 2.83 2.79 18.18
CA SER A 273 2.22 3.65 17.18
C SER A 273 1.73 2.83 15.99
N VAL A 274 2.40 1.74 15.67
CA VAL A 274 1.89 0.90 14.60
C VAL A 274 0.57 0.21 15.02
N LYS A 275 0.54 -0.24 16.26
CA LYS A 275 -0.67 -0.85 16.79
C LYS A 275 -1.86 0.16 16.69
N GLU A 276 -1.61 1.35 17.18
CA GLU A 276 -2.63 2.41 17.14
C GLU A 276 -3.08 2.74 15.72
N PHE A 277 -2.12 2.80 14.79
CA PHE A 277 -2.40 3.07 13.41
C PHE A 277 -3.35 2.01 12.82
N LEU A 278 -3.13 0.74 13.18
CA LEU A 278 -3.97 -0.33 12.64
C LEU A 278 -5.34 -0.33 13.33
N GLN A 279 -5.41 0.10 14.59
CA GLN A 279 -6.69 0.23 15.26
C GLN A 279 -7.46 1.39 14.63
N THR A 280 -6.73 2.40 14.17
CA THR A 280 -7.36 3.59 13.60
C THR A 280 -7.85 3.35 12.17
N TRP A 281 -7.05 2.66 11.33
CA TRP A 281 -7.29 2.49 9.94
C TRP A 281 -7.52 0.97 9.73
N LYS A 282 -8.80 0.57 9.88
CA LYS A 282 -9.16 -0.84 9.96
C LYS A 282 -9.04 -1.57 8.65
N PHE A 283 -8.96 -0.83 7.54
CA PHE A 283 -8.87 -1.52 6.27
C PHE A 283 -7.47 -2.16 6.04
N PHE A 284 -6.46 -1.78 6.82
CA PHE A 284 -5.12 -2.38 6.68
C PHE A 284 -5.05 -3.75 7.38
N ASP A 285 -4.29 -4.68 6.79
CA ASP A 285 -4.21 -6.07 7.22
C ASP A 285 -2.85 -6.50 7.90
N GLY A 286 -2.05 -5.52 8.35
CA GLY A 286 -0.80 -5.87 8.94
C GLY A 286 0.16 -4.74 8.72
N VAL A 287 1.44 -5.07 8.63
CA VAL A 287 2.46 -4.06 8.37
C VAL A 287 3.61 -4.63 7.60
N ASP A 288 4.10 -3.82 6.67
CA ASP A 288 5.27 -4.16 5.88
C ASP A 288 6.40 -3.22 6.30
N ILE A 289 7.51 -3.77 6.71
CA ILE A 289 8.68 -3.04 7.11
C ILE A 289 9.72 -2.91 6.00
N ASP A 290 9.87 -1.75 5.43
CA ASP A 290 10.84 -1.54 4.38
C ASP A 290 12.06 -0.71 4.79
N TRP A 291 12.96 -1.35 5.51
CA TRP A 291 14.04 -0.65 6.14
C TRP A 291 15.19 -0.81 5.16
N GLU A 292 15.60 0.30 4.53
CA GLU A 292 16.68 0.24 3.56
C GLU A 292 17.95 0.97 4.04
N PHE A 293 18.90 0.27 4.64
CA PHE A 293 18.96 -1.17 4.87
C PHE A 293 19.66 -1.33 6.22
N PRO A 294 19.37 -2.43 6.94
CA PRO A 294 20.21 -2.67 8.15
C PRO A 294 21.67 -2.70 7.72
N GLY A 295 22.53 -1.94 8.41
CA GLY A 295 23.95 -1.87 8.07
C GLY A 295 24.30 -0.64 7.26
N GLY A 296 23.29 0.05 6.73
CA GLY A 296 23.52 1.27 5.96
C GLY A 296 23.55 0.98 4.45
N LYS A 297 24.23 1.85 3.72
CA LYS A 297 24.23 1.83 2.25
C LYS A 297 22.86 2.11 1.66
N GLY A 298 21.95 2.69 2.47
CA GLY A 298 20.68 3.24 1.97
C GLY A 298 20.94 4.66 1.50
N ALA A 299 19.90 5.50 1.51
CA ALA A 299 20.02 6.88 1.05
C ALA A 299 21.03 7.71 1.87
N ASN A 300 21.09 7.46 3.18
CA ASN A 300 21.88 8.28 4.12
C ASN A 300 23.29 7.69 4.36
N PRO A 301 24.33 8.35 3.83
CA PRO A 301 25.67 7.80 3.92
C PRO A 301 26.23 7.84 5.36
N ASN A 302 25.57 8.55 6.28
CA ASN A 302 25.97 8.63 7.68
C ASN A 302 25.25 7.66 8.62
N LEU A 303 24.42 6.74 8.11
CA LEU A 303 23.76 5.80 9.03
C LEU A 303 24.14 4.36 8.71
N GLY A 304 23.96 3.46 9.67
CA GLY A 304 24.35 2.06 9.50
C GLY A 304 25.27 1.68 10.67
N SER A 305 24.95 0.61 11.39
CA SER A 305 25.72 0.17 12.55
C SER A 305 25.74 -1.37 12.49
N PRO A 306 26.81 -2.00 13.00
CA PRO A 306 26.82 -3.48 13.16
C PRO A 306 25.70 -4.02 14.01
N GLN A 307 25.11 -3.19 14.86
CA GLN A 307 23.96 -3.56 15.71
C GLN A 307 22.65 -3.77 14.90
N ASP A 308 22.62 -3.26 13.66
CA ASP A 308 21.33 -3.21 12.91
C ASP A 308 20.64 -4.59 12.72
N GLY A 309 21.42 -5.62 12.49
CA GLY A 309 20.85 -6.95 12.39
C GLY A 309 20.07 -7.40 13.60
N GLU A 310 20.64 -7.13 14.78
CA GLU A 310 20.01 -7.48 16.03
C GLU A 310 18.75 -6.64 16.22
N THR A 311 18.85 -5.34 15.92
CA THR A 311 17.70 -4.43 16.01
C THR A 311 16.57 -4.94 15.10
N TYR A 312 16.91 -5.27 13.85
CA TYR A 312 15.93 -5.83 12.91
C TYR A 312 15.18 -7.06 13.49
N VAL A 313 15.93 -8.02 14.00
CA VAL A 313 15.27 -9.23 14.54
C VAL A 313 14.40 -8.88 15.76
N LEU A 314 14.88 -7.99 16.63
CA LEU A 314 14.06 -7.59 17.81
C LEU A 314 12.78 -6.88 17.36
N LEU A 315 12.92 -6.02 16.34
CA LEU A 315 11.76 -5.28 15.83
C LEU A 315 10.71 -6.22 15.26
N MET A 316 11.11 -7.22 14.47
CA MET A 316 10.16 -8.15 13.88
C MET A 316 9.47 -8.99 14.98
N LYS A 317 10.25 -9.35 16.00
CA LYS A 317 9.70 -10.14 17.08
C LYS A 317 8.63 -9.34 17.84
N GLU A 318 8.96 -8.09 18.11
CA GLU A 318 8.06 -7.24 18.88
C GLU A 318 6.80 -6.84 18.06
N LEU A 319 6.99 -6.57 16.77
CA LEU A 319 5.86 -6.31 15.89
C LEU A 319 4.97 -7.57 15.81
N ARG A 320 5.57 -8.75 15.73
CA ARG A 320 4.73 -9.97 15.69
C ARG A 320 3.94 -10.09 17.00
N ALA A 321 4.56 -9.77 18.14
CA ALA A 321 3.84 -10.00 19.40
C ALA A 321 2.68 -8.97 19.50
N MET A 322 2.91 -7.76 19.00
CA MET A 322 1.86 -6.72 18.98
C MET A 322 0.72 -7.19 18.03
N LEU A 323 1.07 -7.69 16.85
CA LEU A 323 0.05 -8.20 15.90
C LEU A 323 -0.74 -9.38 16.44
N ASP A 324 -0.08 -10.26 17.19
CA ASP A 324 -0.78 -11.44 17.72
C ASP A 324 -1.79 -10.98 18.73
N GLN A 325 -1.41 -9.97 19.50
CA GLN A 325 -2.32 -9.39 20.47
C GLN A 325 -3.53 -8.68 19.77
N LEU A 326 -3.25 -7.92 18.72
CA LEU A 326 -4.32 -7.36 17.87
C LEU A 326 -5.21 -8.41 17.19
N SER A 327 -4.62 -9.52 16.70
N SER A 327 -4.63 -9.53 16.69
CA SER A 327 -5.40 -10.60 16.11
CA SER A 327 -5.44 -10.62 16.11
C SER A 327 -6.38 -11.16 17.14
C SER A 327 -6.40 -11.15 17.16
N ALA A 328 -5.91 -11.35 18.36
CA ALA A 328 -6.74 -11.86 19.44
C ALA A 328 -7.86 -10.88 19.79
N GLU A 329 -7.58 -9.58 19.84
CA GLU A 329 -8.65 -8.60 20.16
C GLU A 329 -9.70 -8.58 19.07
N THR A 330 -9.28 -8.72 17.82
CA THR A 330 -10.18 -8.42 16.73
C THR A 330 -10.69 -9.67 16.05
N GLY A 331 -10.02 -10.81 16.26
CA GLY A 331 -10.33 -12.03 15.53
C GLY A 331 -9.86 -12.05 14.09
N ARG A 332 -8.98 -11.12 13.68
CA ARG A 332 -8.54 -11.11 12.28
C ARG A 332 -7.13 -11.63 12.21
N LYS A 333 -6.73 -12.09 11.06
CA LYS A 333 -5.38 -12.47 10.81
C LYS A 333 -4.60 -11.21 10.35
N TYR A 334 -3.46 -10.93 10.96
CA TYR A 334 -2.62 -9.81 10.57
C TYR A 334 -1.32 -10.35 10.07
N GLU A 335 -0.76 -9.69 9.05
CA GLU A 335 0.48 -10.12 8.44
C GLU A 335 1.65 -9.18 8.75
N LEU A 336 2.83 -9.76 8.88
CA LEU A 336 4.05 -9.02 9.08
C LEU A 336 5.00 -9.41 7.96
N THR A 337 5.40 -8.41 7.17
CA THR A 337 6.27 -8.64 6.05
C THR A 337 7.37 -7.58 6.03
N SER A 338 8.32 -7.81 5.15
CA SER A 338 9.42 -6.86 4.98
C SER A 338 10.00 -6.91 3.57
N ALA A 339 10.23 -5.76 2.93
CA ALA A 339 10.95 -5.71 1.65
C ALA A 339 12.44 -5.57 2.01
N ILE A 340 13.28 -6.41 1.40
CA ILE A 340 14.70 -6.46 1.77
C ILE A 340 15.64 -6.38 0.56
N SER A 341 16.88 -5.94 0.80
CA SER A 341 17.85 -6.01 -0.28
C SER A 341 18.02 -7.48 -0.76
N ALA A 342 18.17 -7.67 -2.08
CA ALA A 342 18.52 -8.96 -2.64
C ALA A 342 20.05 -9.16 -2.75
N GLY A 343 20.83 -8.16 -2.38
CA GLY A 343 22.30 -8.31 -2.46
C GLY A 343 22.80 -9.15 -1.27
N LYS A 344 23.64 -10.14 -1.57
CA LYS A 344 24.18 -11.04 -0.55
C LYS A 344 24.91 -10.27 0.56
N ASP A 345 25.59 -9.20 0.18
CA ASP A 345 26.35 -8.43 1.15
C ASP A 345 25.42 -7.74 2.17
N LYS A 346 24.24 -7.31 1.73
CA LYS A 346 23.26 -6.73 2.65
C LYS A 346 22.48 -7.81 3.39
N ILE A 347 22.21 -8.93 2.70
CA ILE A 347 21.46 -10.05 3.30
C ILE A 347 22.20 -10.63 4.49
N ASP A 348 23.52 -10.60 4.40
CA ASP A 348 24.32 -11.23 5.46
C ASP A 348 24.49 -10.40 6.71
N LYS A 349 23.91 -9.22 6.71
N LYS A 349 23.93 -9.21 6.68
CA LYS A 349 23.89 -8.39 7.91
CA LYS A 349 23.88 -8.34 7.85
C LYS A 349 22.76 -8.75 8.86
C LYS A 349 22.73 -8.70 8.81
N VAL A 350 21.85 -9.62 8.42
CA VAL A 350 20.65 -9.98 9.21
C VAL A 350 20.50 -11.46 9.26
N ALA A 351 20.13 -11.97 10.44
CA ALA A 351 19.74 -13.39 10.59
C ALA A 351 18.28 -13.64 10.20
N TYR A 352 18.02 -13.71 8.90
CA TYR A 352 16.65 -13.94 8.41
C TYR A 352 16.16 -15.32 8.77
N ASN A 353 17.08 -16.26 9.01
CA ASN A 353 16.66 -17.57 9.47
C ASN A 353 16.10 -17.46 10.88
N VAL A 354 16.55 -16.45 11.66
CA VAL A 354 15.87 -16.17 12.93
C VAL A 354 14.61 -15.29 12.75
N ALA A 355 14.74 -14.16 12.04
CA ALA A 355 13.56 -13.22 11.86
C ALA A 355 12.34 -13.83 11.17
N GLN A 356 12.57 -14.79 10.25
CA GLN A 356 11.46 -15.49 9.57
C GLN A 356 10.41 -16.08 10.48
N ASN A 357 10.80 -16.49 11.68
CA ASN A 357 9.81 -16.99 12.64
C ASN A 357 8.74 -15.96 13.07
N SER A 358 9.01 -14.68 12.87
CA SER A 358 8.02 -13.63 13.11
C SER A 358 7.26 -13.19 11.85
N MET A 359 7.76 -13.55 10.69
CA MET A 359 7.31 -12.92 9.46
C MET A 359 6.47 -13.85 8.62
N ASP A 360 5.44 -13.31 7.99
CA ASP A 360 4.68 -14.04 6.96
C ASP A 360 5.40 -14.15 5.66
N HIS A 361 5.96 -13.04 5.16
CA HIS A 361 6.62 -13.06 3.86
C HIS A 361 7.84 -12.16 3.88
N ILE A 362 8.83 -12.53 3.08
CA ILE A 362 9.97 -11.68 2.78
C ILE A 362 9.84 -11.29 1.33
N PHE A 363 9.71 -9.98 1.10
CA PHE A 363 9.65 -9.45 -0.26
C PHE A 363 11.05 -9.16 -0.73
N LEU A 364 11.61 -10.10 -1.49
CA LEU A 364 12.98 -9.95 -1.93
C LEU A 364 13.13 -8.96 -3.07
N MET A 365 13.81 -7.84 -2.82
CA MET A 365 13.87 -6.76 -3.83
C MET A 365 14.86 -7.07 -4.95
N SER A 366 14.53 -8.10 -5.75
CA SER A 366 15.41 -8.59 -6.81
C SER A 366 15.31 -7.74 -8.06
N TYR A 367 15.71 -6.47 -7.92
CA TYR A 367 15.73 -5.46 -8.98
C TYR A 367 16.68 -4.37 -8.52
N ASP A 368 16.88 -3.33 -9.35
CA ASP A 368 17.87 -2.26 -9.10
C ASP A 368 19.29 -2.83 -8.91
N PHE A 369 19.58 -3.97 -9.55
CA PHE A 369 20.93 -4.57 -9.47
C PHE A 369 21.97 -3.67 -10.17
N TYR A 370 21.54 -2.95 -11.20
CA TYR A 370 22.41 -2.06 -11.94
C TYR A 370 21.54 -0.92 -12.38
N GLY A 371 22.16 0.18 -12.78
CA GLY A 371 21.41 1.38 -13.19
C GLY A 371 22.28 2.60 -13.43
N ALA A 372 21.65 3.73 -13.69
CA ALA A 372 22.42 4.94 -13.99
C ALA A 372 23.24 5.54 -12.81
N PHE A 373 23.10 4.95 -11.61
CA PHE A 373 23.84 5.34 -10.40
C PHE A 373 25.27 4.80 -10.49
N ASP A 374 25.49 3.92 -11.46
CA ASP A 374 26.83 3.45 -11.81
C ASP A 374 26.99 3.44 -13.36
N LEU A 375 27.84 4.31 -13.89
CA LEU A 375 28.03 4.47 -15.35
C LEU A 375 29.16 3.57 -15.89
N LYS A 376 29.92 2.98 -14.98
CA LYS A 376 31.06 2.14 -15.37
C LYS A 376 30.72 0.68 -15.52
N ASN A 377 29.93 0.13 -14.59
CA ASN A 377 29.62 -1.28 -14.63
C ASN A 377 28.11 -1.50 -14.93
N LEU A 378 27.85 -1.99 -16.14
CA LEU A 378 26.49 -2.16 -16.64
C LEU A 378 26.07 -3.64 -16.55
N GLY A 379 24.76 -3.87 -16.43
CA GLY A 379 24.26 -5.22 -16.23
C GLY A 379 22.78 -5.23 -16.26
N HIS A 380 22.22 -6.44 -16.21
CA HIS A 380 20.77 -6.57 -16.10
C HIS A 380 20.30 -6.14 -14.68
N GLN A 381 19.33 -5.23 -14.61
CA GLN A 381 18.90 -4.66 -13.34
C GLN A 381 18.03 -5.62 -12.51
N THR A 382 17.43 -6.62 -13.12
CA THR A 382 16.48 -7.48 -12.45
C THR A 382 16.54 -8.94 -12.91
N ALA A 383 17.67 -9.39 -13.38
CA ALA A 383 17.71 -10.73 -13.98
C ALA A 383 17.58 -11.89 -13.00
N LEU A 384 17.14 -13.04 -13.52
CA LEU A 384 17.10 -14.23 -12.74
C LEU A 384 18.52 -14.73 -12.52
N ASN A 385 19.29 -14.89 -13.60
CA ASN A 385 20.61 -15.54 -13.54
C ASN A 385 21.69 -14.59 -13.95
N ALA A 386 22.95 -15.00 -13.87
CA ALA A 386 24.02 -14.17 -14.45
C ALA A 386 23.98 -14.32 -15.99
N PRO A 387 24.52 -13.34 -16.72
CA PRO A 387 24.61 -13.46 -18.17
C PRO A 387 25.83 -14.31 -18.63
N ALA A 388 25.76 -14.85 -19.85
CA ALA A 388 26.87 -15.65 -20.42
C ALA A 388 28.20 -14.93 -20.42
N TRP A 389 28.21 -13.64 -20.62
CA TRP A 389 29.44 -12.91 -20.59
C TRP A 389 30.09 -12.59 -19.24
N LYS A 390 29.43 -12.93 -18.15
CA LYS A 390 29.93 -12.69 -16.80
C LYS A 390 29.20 -13.58 -15.84
N PRO A 391 29.46 -14.86 -15.91
CA PRO A 391 28.76 -15.81 -15.09
C PRO A 391 28.98 -15.60 -13.60
N ASP A 392 29.95 -14.79 -13.20
CA ASP A 392 30.24 -14.58 -11.79
C ASP A 392 29.56 -13.29 -11.29
N THR A 393 28.64 -12.74 -12.09
CA THR A 393 27.89 -11.54 -11.71
C THR A 393 27.33 -11.70 -10.27
N ALA A 394 27.60 -10.70 -9.44
CA ALA A 394 27.25 -10.75 -8.01
C ALA A 394 25.72 -10.60 -7.83
N TYR A 395 25.16 -9.56 -8.41
CA TYR A 395 23.75 -9.22 -8.21
C TYR A 395 22.83 -9.83 -9.25
N THR A 396 22.29 -10.99 -8.88
CA THR A 396 21.21 -11.66 -9.59
C THR A 396 20.13 -12.10 -8.57
N THR A 397 18.95 -12.43 -9.08
CA THR A 397 17.88 -12.98 -8.25
C THR A 397 18.32 -14.26 -7.54
N VAL A 398 18.90 -15.21 -8.29
CA VAL A 398 19.25 -16.50 -7.70
C VAL A 398 20.30 -16.31 -6.55
N ASN A 399 21.23 -15.37 -6.70
CA ASN A 399 22.18 -15.17 -5.64
C ASN A 399 21.50 -14.68 -4.34
N GLY A 400 20.42 -13.90 -4.47
CA GLY A 400 19.73 -13.34 -3.31
C GLY A 400 18.94 -14.44 -2.66
N VAL A 401 18.24 -15.25 -3.45
CA VAL A 401 17.43 -16.35 -2.89
C VAL A 401 18.38 -17.35 -2.28
N ASN A 402 19.47 -17.69 -2.98
CA ASN A 402 20.39 -18.66 -2.39
C ASN A 402 21.03 -18.18 -1.07
N ALA A 403 21.31 -16.87 -0.94
CA ALA A 403 21.83 -16.34 0.33
C ALA A 403 20.84 -16.62 1.47
N LEU A 404 19.54 -16.37 1.23
CA LEU A 404 18.52 -16.62 2.25
C LEU A 404 18.41 -18.10 2.58
N LEU A 405 18.36 -18.94 1.53
CA LEU A 405 18.23 -20.37 1.71
C LEU A 405 19.43 -20.89 2.50
N THR A 406 20.60 -20.38 2.21
CA THR A 406 21.84 -20.82 2.92
C THR A 406 21.83 -20.41 4.40
N GLN A 407 21.21 -19.27 4.69
CA GLN A 407 20.95 -18.89 6.09
C GLN A 407 20.07 -19.90 6.83
N GLY A 408 19.21 -20.59 6.08
CA GLY A 408 18.13 -21.45 6.65
C GLY A 408 16.73 -20.83 6.55
N VAL A 409 16.54 -19.79 5.77
CA VAL A 409 15.18 -19.29 5.47
C VAL A 409 14.38 -20.34 4.72
N LYS A 410 13.16 -20.60 5.16
CA LYS A 410 12.31 -21.52 4.47
C LYS A 410 11.87 -20.97 3.11
N PRO A 411 11.93 -21.82 2.05
CA PRO A 411 11.66 -21.30 0.70
C PRO A 411 10.25 -20.68 0.58
N GLY A 412 9.25 -21.23 1.27
CA GLY A 412 7.89 -20.72 1.21
C GLY A 412 7.73 -19.24 1.68
N LYS A 413 8.75 -18.69 2.33
CA LYS A 413 8.66 -17.32 2.93
C LYS A 413 9.10 -16.28 1.92
N ILE A 414 9.80 -16.76 0.88
CA ILE A 414 10.52 -15.90 -0.04
C ILE A 414 9.64 -15.52 -1.24
N VAL A 415 9.41 -14.20 -1.36
CA VAL A 415 8.62 -13.63 -2.47
C VAL A 415 9.56 -12.88 -3.39
N VAL A 416 9.64 -13.34 -4.63
CA VAL A 416 10.64 -12.86 -5.59
C VAL A 416 10.09 -11.61 -6.23
N GLY A 417 10.94 -10.61 -6.44
CA GLY A 417 10.50 -9.32 -6.95
C GLY A 417 10.68 -9.19 -8.45
N THR A 418 9.72 -8.49 -9.08
CA THR A 418 9.78 -8.14 -10.51
C THR A 418 9.66 -6.63 -10.69
N ALA A 419 10.26 -6.08 -11.74
CA ALA A 419 10.21 -4.65 -11.94
C ALA A 419 9.22 -4.30 -13.05
N MET A 420 8.32 -3.36 -12.75
CA MET A 420 7.40 -2.76 -13.71
C MET A 420 7.97 -1.46 -14.33
N TYR A 421 9.28 -1.40 -14.36
CA TYR A 421 10.02 -0.23 -14.84
C TYR A 421 11.35 -0.75 -15.34
N GLY A 422 12.02 0.04 -16.17
CA GLY A 422 13.38 -0.28 -16.60
C GLY A 422 14.36 0.75 -16.04
N ARG A 423 15.62 0.37 -15.91
CA ARG A 423 16.65 1.36 -15.62
C ARG A 423 17.49 1.50 -16.86
N GLY A 424 18.06 2.68 -17.10
CA GLY A 424 18.91 2.77 -18.30
C GLY A 424 19.92 3.88 -18.40
N TRP A 425 20.81 3.71 -19.38
CA TRP A 425 21.91 4.62 -19.67
C TRP A 425 21.77 5.25 -21.07
N THR A 426 22.45 6.39 -21.24
CA THR A 426 22.64 6.97 -22.54
C THR A 426 24.12 6.96 -22.86
N GLY A 427 24.47 7.05 -24.14
CA GLY A 427 25.86 7.21 -24.56
C GLY A 427 26.69 5.96 -24.37
N VAL A 428 26.06 4.80 -24.24
CA VAL A 428 26.84 3.56 -24.07
C VAL A 428 27.75 3.34 -25.29
N ASN A 429 29.00 2.99 -25.02
CA ASN A 429 30.08 2.93 -26.01
C ASN A 429 31.16 2.02 -25.46
N GLY A 430 32.01 1.48 -26.34
CA GLY A 430 33.17 0.75 -25.91
C GLY A 430 32.88 -0.68 -25.57
N TYR A 431 31.81 -1.25 -26.16
CA TYR A 431 31.42 -2.62 -25.85
C TYR A 431 31.90 -3.62 -26.91
N GLN A 432 31.99 -4.89 -26.51
CA GLN A 432 32.55 -5.94 -27.33
C GLN A 432 31.44 -6.89 -27.77
N ASN A 433 31.63 -7.53 -28.94
CA ASN A 433 30.77 -8.62 -29.40
C ASN A 433 29.27 -8.32 -29.38
N ASN A 434 28.91 -7.09 -29.73
CA ASN A 434 27.53 -6.65 -29.77
C ASN A 434 26.76 -6.78 -28.44
N ILE A 435 27.49 -6.81 -27.32
CA ILE A 435 26.85 -6.86 -26.01
C ILE A 435 27.09 -5.48 -25.37
N PRO A 436 26.12 -4.57 -25.47
CA PRO A 436 26.25 -3.20 -24.93
C PRO A 436 26.64 -3.12 -23.42
N PHE A 437 26.25 -4.12 -22.63
CA PHE A 437 26.53 -4.19 -21.19
C PHE A 437 28.02 -4.28 -20.86
N THR A 438 28.82 -4.71 -21.85
CA THR A 438 30.27 -4.80 -21.67
C THR A 438 30.97 -3.45 -21.83
N GLY A 439 30.24 -2.39 -22.17
CA GLY A 439 30.86 -1.08 -22.33
C GLY A 439 30.72 -0.18 -21.12
N THR A 440 30.72 1.13 -21.34
CA THR A 440 30.54 2.13 -20.28
C THR A 440 29.60 3.24 -20.81
N ALA A 441 28.92 3.95 -19.91
CA ALA A 441 27.91 4.94 -20.29
C ALA A 441 28.36 6.35 -19.95
N THR A 442 27.73 7.38 -20.50
CA THR A 442 28.11 8.75 -20.16
C THR A 442 27.06 9.51 -19.34
N GLY A 443 25.98 8.84 -18.99
CA GLY A 443 24.82 9.45 -18.33
C GLY A 443 23.64 8.48 -18.20
N PRO A 444 22.56 8.96 -17.57
CA PRO A 444 21.34 8.18 -17.40
C PRO A 444 20.46 8.28 -18.66
N VAL A 445 19.61 7.28 -18.92
CA VAL A 445 18.64 7.39 -20.01
C VAL A 445 17.58 8.46 -19.67
N LYS A 446 17.00 9.10 -20.67
CA LYS A 446 15.92 10.03 -20.43
C LYS A 446 14.75 9.20 -19.83
N GLY A 447 14.24 9.64 -18.69
CA GLY A 447 13.29 8.83 -17.92
C GLY A 447 11.88 9.33 -18.04
N THR A 448 10.90 8.49 -17.68
CA THR A 448 9.52 8.91 -17.71
C THR A 448 9.21 10.07 -16.76
N TRP A 449 9.61 9.91 -15.48
CA TRP A 449 9.37 10.88 -14.44
C TRP A 449 10.71 11.37 -13.87
N GLU A 450 11.71 10.51 -13.83
CA GLU A 450 13.02 10.91 -13.36
C GLU A 450 14.06 10.18 -14.17
N ASN A 451 15.20 10.85 -14.36
CA ASN A 451 16.29 10.32 -15.14
C ASN A 451 16.71 8.95 -14.77
N GLY A 452 16.95 8.15 -15.80
CA GLY A 452 17.52 6.86 -15.62
C GLY A 452 16.49 5.77 -15.33
N ILE A 453 15.20 6.12 -15.34
CA ILE A 453 14.14 5.16 -15.02
C ILE A 453 12.98 5.35 -15.97
N VAL A 454 12.48 4.25 -16.53
CA VAL A 454 11.36 4.35 -17.50
C VAL A 454 10.21 3.42 -17.09
N ASP A 455 8.97 3.90 -17.04
CA ASP A 455 7.80 3.02 -16.82
C ASP A 455 7.83 1.87 -17.86
N TYR A 456 7.53 0.63 -17.44
CA TYR A 456 7.39 -0.46 -18.40
C TYR A 456 6.36 -0.07 -19.50
N ARG A 457 5.25 0.55 -19.10
CA ARG A 457 4.28 1.10 -20.07
C ARG A 457 4.97 1.86 -21.20
N GLN A 458 5.92 2.74 -20.89
CA GLN A 458 6.57 3.55 -21.92
C GLN A 458 7.56 2.72 -22.76
N ILE A 459 8.27 1.80 -22.13
CA ILE A 459 9.17 0.91 -22.84
C ILE A 459 8.37 0.17 -23.92
N ALA A 460 7.23 -0.40 -23.55
CA ALA A 460 6.44 -1.21 -24.49
C ALA A 460 5.84 -0.34 -25.61
N SER A 461 5.33 0.83 -25.25
CA SER A 461 4.67 1.66 -26.26
C SER A 461 5.63 2.54 -27.06
N GLN A 462 6.80 2.91 -26.51
CA GLN A 462 7.71 3.85 -27.19
C GLN A 462 9.03 3.30 -27.68
N PHE A 463 9.53 2.22 -27.09
CA PHE A 463 10.90 1.81 -27.39
C PHE A 463 10.99 0.43 -28.04
N MET A 464 9.93 0.05 -28.74
N MET A 464 9.91 0.08 -28.74
CA MET A 464 9.94 -1.17 -29.53
CA MET A 464 9.77 -1.16 -29.49
C MET A 464 9.53 -0.88 -30.98
C MET A 464 9.48 -0.86 -30.99
N SER A 465 10.17 0.14 -31.55
CA SER A 465 10.04 0.50 -32.97
C SER A 465 11.25 1.34 -33.39
N GLY A 466 11.30 1.68 -34.67
CA GLY A 466 12.43 2.44 -35.23
C GLY A 466 13.76 1.74 -35.08
N GLU A 467 14.72 2.46 -34.51
CA GLU A 467 16.09 1.97 -34.41
C GLU A 467 16.35 1.04 -33.19
N TRP A 468 15.38 0.95 -32.28
CA TRP A 468 15.56 0.16 -31.04
C TRP A 468 15.70 -1.34 -31.30
N GLN A 469 16.87 -1.89 -31.04
CA GLN A 469 16.99 -3.35 -31.00
C GLN A 469 16.27 -3.87 -29.77
N TYR A 470 15.77 -5.10 -29.85
N TYR A 470 15.70 -5.07 -29.86
CA TYR A 470 15.18 -5.80 -28.71
CA TYR A 470 15.22 -5.79 -28.69
C TYR A 470 15.79 -7.17 -28.62
C TYR A 470 15.97 -7.09 -28.66
N THR A 471 16.35 -7.52 -27.46
CA THR A 471 17.01 -8.82 -27.26
C THR A 471 16.54 -9.44 -25.96
N TYR A 472 16.19 -10.72 -26.01
CA TYR A 472 15.93 -11.45 -24.81
C TYR A 472 17.14 -12.33 -24.52
N ASP A 473 17.86 -12.02 -23.41
CA ASP A 473 18.94 -12.87 -22.90
C ASP A 473 18.36 -14.08 -22.15
N ALA A 474 18.48 -15.28 -22.75
CA ALA A 474 17.83 -16.45 -22.20
C ALA A 474 18.65 -17.14 -21.11
N THR A 475 19.92 -16.78 -21.01
CA THR A 475 20.80 -17.30 -19.99
C THR A 475 20.45 -16.57 -18.68
N ALA A 476 20.43 -15.24 -18.73
CA ALA A 476 20.09 -14.36 -17.62
C ALA A 476 18.60 -14.37 -17.30
N GLU A 477 17.79 -14.58 -18.32
CA GLU A 477 16.35 -14.38 -18.29
C GLU A 477 16.04 -12.91 -18.12
N ALA A 478 16.27 -12.14 -19.15
CA ALA A 478 16.33 -10.72 -19.03
C ALA A 478 16.28 -10.04 -20.37
N PRO A 479 15.29 -9.21 -20.61
CA PRO A 479 15.23 -8.46 -21.85
C PRO A 479 15.92 -7.10 -21.81
N TYR A 480 16.31 -6.58 -22.95
CA TYR A 480 16.85 -5.24 -23.10
C TYR A 480 16.61 -4.64 -24.48
N VAL A 481 16.47 -3.33 -24.53
CA VAL A 481 16.35 -2.63 -25.79
C VAL A 481 17.58 -1.72 -25.88
N PHE A 482 18.02 -1.40 -27.10
CA PHE A 482 19.22 -0.63 -27.32
C PHE A 482 19.11 0.19 -28.61
N LYS A 483 19.50 1.45 -28.54
CA LYS A 483 19.48 2.34 -29.69
C LYS A 483 20.92 2.75 -29.93
N PRO A 484 21.64 2.07 -30.89
CA PRO A 484 23.10 2.32 -31.05
C PRO A 484 23.50 3.76 -31.43
N SER A 485 22.65 4.49 -32.15
CA SER A 485 23.09 5.79 -32.59
C SER A 485 23.31 6.71 -31.38
N THR A 486 22.43 6.65 -30.39
CA THR A 486 22.58 7.50 -29.21
C THR A 486 23.21 6.73 -28.06
N GLY A 487 23.42 5.42 -28.25
CA GLY A 487 23.87 4.54 -27.13
C GLY A 487 22.89 4.40 -25.96
N ASP A 488 21.60 4.67 -26.18
CA ASP A 488 20.56 4.46 -25.14
C ASP A 488 20.32 2.97 -24.87
N LEU A 489 20.55 2.54 -23.63
CA LEU A 489 20.41 1.14 -23.23
C LEU A 489 19.40 0.99 -22.06
N ILE A 490 18.37 0.16 -22.19
CA ILE A 490 17.35 0.02 -21.07
C ILE A 490 17.19 -1.42 -20.63
N THR A 491 17.30 -1.67 -19.32
CA THR A 491 17.17 -3.02 -18.76
C THR A 491 15.87 -3.12 -17.94
N PHE A 492 15.10 -4.19 -18.17
CA PHE A 492 13.75 -4.21 -17.63
C PHE A 492 13.28 -5.66 -17.48
N ASP A 493 12.09 -5.85 -16.93
CA ASP A 493 11.42 -7.14 -16.95
C ASP A 493 10.36 -7.14 -18.06
N ASP A 494 10.16 -8.28 -18.71
CA ASP A 494 9.00 -8.36 -19.62
C ASP A 494 8.19 -9.63 -19.35
N ALA A 495 7.11 -9.86 -20.11
CA ALA A 495 6.27 -11.04 -19.93
C ALA A 495 7.10 -12.31 -19.84
N ARG A 496 8.14 -12.39 -20.66
CA ARG A 496 8.99 -13.58 -20.65
C ARG A 496 9.95 -13.73 -19.45
N SER A 497 10.60 -12.63 -19.02
CA SER A 497 11.51 -12.76 -17.84
C SER A 497 10.66 -13.03 -16.61
N VAL A 498 9.47 -12.40 -16.55
CA VAL A 498 8.53 -12.66 -15.47
C VAL A 498 8.07 -14.11 -15.42
N GLN A 499 7.75 -14.67 -16.61
CA GLN A 499 7.38 -16.08 -16.73
C GLN A 499 8.50 -16.99 -16.19
N ALA A 500 9.75 -16.65 -16.51
CA ALA A 500 10.89 -17.42 -15.98
C ALA A 500 11.01 -17.32 -14.46
N LYS A 501 10.87 -16.11 -13.92
CA LYS A 501 10.74 -15.92 -12.45
C LYS A 501 9.63 -16.76 -11.86
N GLY A 502 8.44 -16.76 -12.47
CA GLY A 502 7.31 -17.51 -11.91
C GLY A 502 7.57 -19.02 -11.94
N LYS A 503 8.07 -19.52 -13.07
CA LYS A 503 8.50 -20.92 -13.17
C LYS A 503 9.54 -21.29 -12.08
N TYR A 504 10.52 -20.40 -11.88
CA TYR A 504 11.52 -20.61 -10.85
C TYR A 504 10.91 -20.69 -9.45
N VAL A 505 9.97 -19.77 -9.16
CA VAL A 505 9.26 -19.76 -7.89
C VAL A 505 8.57 -21.11 -7.67
N LEU A 506 7.80 -21.56 -8.67
CA LEU A 506 7.16 -22.88 -8.59
C LEU A 506 8.18 -24.03 -8.44
N ASP A 507 9.22 -24.04 -9.27
N ASP A 507 9.26 -24.00 -9.22
CA ASP A 507 10.30 -25.03 -9.20
CA ASP A 507 10.29 -25.08 -9.18
C ASP A 507 10.78 -25.14 -7.74
C ASP A 507 11.08 -25.14 -7.88
N LYS A 508 11.22 -24.01 -7.20
CA LYS A 508 11.91 -23.98 -5.91
C LYS A 508 10.98 -23.89 -4.69
N GLN A 509 9.66 -23.96 -4.91
CA GLN A 509 8.65 -23.85 -3.86
C GLN A 509 8.79 -22.54 -3.04
N LEU A 510 9.11 -21.46 -3.72
CA LEU A 510 9.15 -20.13 -3.11
C LEU A 510 7.72 -19.60 -2.87
N GLY A 511 7.60 -18.38 -2.30
CA GLY A 511 6.29 -17.90 -1.92
C GLY A 511 5.40 -17.24 -2.98
N GLY A 512 5.99 -16.74 -4.06
CA GLY A 512 5.18 -16.08 -5.10
C GLY A 512 5.99 -14.95 -5.70
N LEU A 513 5.29 -13.97 -6.28
CA LEU A 513 5.96 -12.82 -6.88
C LEU A 513 5.36 -11.49 -6.37
N PHE A 514 6.16 -10.41 -6.37
CA PHE A 514 5.59 -9.06 -6.04
C PHE A 514 6.30 -8.11 -6.98
N SER A 515 5.81 -6.89 -7.09
CA SER A 515 6.33 -5.95 -8.06
C SER A 515 6.31 -4.53 -7.54
N TRP A 516 7.22 -3.72 -8.07
CA TRP A 516 7.26 -2.26 -7.86
C TRP A 516 7.24 -1.63 -9.28
N GLU A 517 6.35 -0.67 -9.59
CA GLU A 517 5.25 -0.20 -8.82
C GLU A 517 4.05 -0.28 -9.78
N ILE A 518 2.83 -0.46 -9.24
CA ILE A 518 1.65 -0.88 -10.00
C ILE A 518 1.28 0.14 -11.10
N ASP A 519 1.50 1.44 -10.87
CA ASP A 519 1.16 2.47 -11.88
C ASP A 519 1.96 2.34 -13.18
N ALA A 520 3.13 1.71 -13.13
CA ALA A 520 3.97 1.68 -14.31
C ALA A 520 3.71 0.55 -15.30
N ASP A 521 2.87 -0.40 -14.92
CA ASP A 521 2.60 -1.58 -15.75
C ASP A 521 1.49 -1.22 -16.77
N ASN A 522 1.49 -1.83 -17.97
CA ASN A 522 0.27 -1.72 -18.87
C ASN A 522 -0.64 -2.94 -18.73
N GLY A 523 -0.23 -3.86 -17.85
CA GLY A 523 -0.91 -5.12 -17.65
C GLY A 523 -0.08 -6.33 -18.01
N ASP A 524 0.87 -6.19 -18.94
CA ASP A 524 1.71 -7.28 -19.38
C ASP A 524 2.43 -7.93 -18.20
N ILE A 525 2.98 -7.11 -17.28
CA ILE A 525 3.83 -7.64 -16.22
C ILE A 525 2.94 -8.42 -15.23
N LEU A 526 1.86 -7.81 -14.78
CA LEU A 526 0.99 -8.45 -13.83
C LEU A 526 0.24 -9.67 -14.42
N ASN A 527 -0.16 -9.62 -15.70
CA ASN A 527 -0.76 -10.80 -16.35
C ASN A 527 0.23 -11.96 -16.26
N SER A 528 1.48 -11.70 -16.60
CA SER A 528 2.47 -12.74 -16.59
C SER A 528 2.78 -13.27 -15.15
N MET A 529 2.79 -12.38 -14.14
CA MET A 529 2.95 -12.85 -12.76
C MET A 529 1.87 -13.86 -12.43
N ASN A 530 0.64 -13.47 -12.76
CA ASN A 530 -0.49 -14.33 -12.45
C ASN A 530 -0.38 -15.69 -13.23
N ALA A 531 -0.13 -15.63 -14.56
CA ALA A 531 -0.13 -16.85 -15.38
C ALA A 531 0.99 -17.78 -14.98
N SER A 532 2.20 -17.23 -14.83
CA SER A 532 3.39 -18.01 -14.51
C SER A 532 3.36 -18.68 -13.13
N LEU A 533 2.50 -18.21 -12.24
CA LEU A 533 2.44 -18.82 -10.91
C LEU A 533 1.29 -19.84 -10.93
N GLY A 534 0.63 -19.95 -12.09
CA GLY A 534 -0.44 -20.94 -12.31
C GLY A 534 -1.82 -20.50 -11.88
N ASN A 535 -2.08 -19.20 -11.73
CA ASN A 535 -3.45 -18.77 -11.48
C ASN A 535 -4.31 -18.97 -12.75
N SER A 536 -5.54 -19.46 -12.60
CA SER A 536 -6.46 -19.66 -13.77
C SER A 536 -7.04 -18.33 -14.28
N ALA A 537 -7.26 -18.27 -15.59
CA ALA A 537 -7.89 -17.13 -16.21
C ALA A 537 -9.37 -17.02 -15.84
N GLY A 538 -9.95 -15.83 -16.04
CA GLY A 538 -11.41 -15.58 -15.95
C GLY A 538 -11.78 -14.99 -14.61
N VAL A 539 -12.79 -14.11 -14.59
CA VAL A 539 -13.21 -13.32 -13.38
C VAL A 539 -13.11 -13.97 -11.95
C1 SN5 B . 11.71 5.00 -5.00
S7 SN5 B . 10.44 4.79 -8.92
C2 SN5 B . 11.19 5.83 -6.18
C3 SN5 B . 11.06 7.31 -5.86
C4 SN5 B . 10.46 7.60 -4.48
C5 SN5 B . 11.17 6.75 -3.45
C6 SN5 B . 10.56 6.88 -2.07
C7 SN5 B . 11.83 5.27 -8.47
C8 SN5 B . 12.93 5.24 -9.49
N2 SN5 B . 12.14 5.72 -7.26
O3 SN5 B . 10.30 7.90 -6.87
O4 SN5 B . 10.36 8.99 -4.20
O5 SN5 B . 11.02 5.43 -3.86
O6 SN5 B . 11.14 6.02 -1.17
C1 SN5 B . 9.60 9.83 -4.37
S7 SN5 B . 10.10 11.06 -0.64
C2 SN5 B . 9.04 10.86 -3.39
C3 SN5 B . 7.95 11.70 -3.99
C4 SN5 B . 8.44 12.32 -5.28
C5 SN5 B . 8.90 11.25 -6.23
C6 SN5 B . 9.43 11.96 -7.48
C7 SN5 B . 8.90 10.17 -1.04
C8 SN5 B . 8.22 9.36 0.03
N2 SN5 B . 8.44 10.11 -2.30
O3 SN5 B . 7.54 12.72 -3.11
O4 SN5 B . 7.46 13.16 -5.88
O5 SN5 B . 9.89 10.45 -5.62
O6 SN5 B . 9.76 11.09 -8.59
C1 SN5 C . 23.13 -0.51 -5.59
S7 SN5 C . 22.97 -4.08 -3.88
C2 SN5 C . 22.10 -1.46 -5.05
C3 SN5 C . 20.72 -0.87 -5.24
C4 SN5 C . 20.62 0.59 -4.80
C5 SN5 C . 21.88 1.38 -5.17
C6 SN5 C . 21.96 2.74 -4.50
C7 SN5 C . 22.65 -3.81 -5.37
C8 SN5 C . 22.82 -4.97 -6.30
N2 SN5 C . 22.25 -2.64 -5.87
O3 SN5 C . 19.85 -1.62 -4.43
O4 SN5 C . 19.49 1.25 -5.38
O5 SN5 C . 23.05 0.69 -4.85
O6 SN5 C . 22.14 3.70 -5.53
O1 SN5 C . 24.41 -1.03 -5.31
C1 SN5 C . 18.61 1.15 -4.71
S7 SN5 C . 18.29 4.10 -6.80
C2 SN5 C . 17.73 2.37 -4.99
C3 SN5 C . 16.46 2.45 -4.18
C4 SN5 C . 15.82 1.10 -3.90
C5 SN5 C . 16.90 0.14 -3.48
C6 SN5 C . 16.31 -1.21 -3.13
C7 SN5 C . 18.82 4.40 -5.44
C8 SN5 C . 19.60 5.66 -5.23
N2 SN5 C . 18.52 3.52 -4.53
O3 SN5 C . 15.57 3.36 -4.77
O4 SN5 C . 14.93 1.18 -2.83
O5 SN5 C . 17.78 0.02 -4.58
O6 SN5 C . 15.54 -1.60 -4.22
C1 NGT D . 12.29 -0.10 -4.04
C2 NGT D . 12.30 0.82 -2.81
C3 NGT D . 11.73 2.17 -3.26
C4 NGT D . 12.25 2.70 -4.61
C5 NGT D . 11.99 1.60 -5.63
C6 NGT D . 12.46 1.91 -7.04
C7 NGT D . 10.56 -0.63 -2.45
C8 NGT D . 9.44 -1.18 -1.62
N2 NGT D . 11.28 0.28 -1.97
S1 NGT D . 10.88 -1.14 -3.97
O3 NGT D . 11.75 3.18 -2.28
O4 NGT D . 11.62 3.91 -5.05
O5 NGT D . 12.67 0.44 -5.26
O6 NGT D . 13.83 1.67 -7.15
C1 PEG E . -32.79 13.64 5.89
O1 PEG E . -32.46 14.42 7.03
C2 PEG E . -34.19 13.04 5.97
O2 PEG E . -34.78 12.96 4.68
C3 PEG E . -35.59 14.15 4.49
C4 PEG E . -37.00 13.74 4.17
O4 PEG E . -36.87 12.89 3.00
C2 PEG F . -55.45 5.01 27.91
O2 PEG F . -55.01 5.51 26.64
C3 PEG F . -55.91 5.38 25.51
C4 PEG F . -55.94 3.92 25.01
C2 PEG G . -18.74 13.04 11.95
O2 PEG G . -19.82 12.70 12.91
C3 PEG G . -19.71 11.57 13.84
C4 PEG G . -19.01 11.76 15.19
#